data_1TUO
#
_entry.id   1TUO
#
_cell.length_a   106.610
_cell.length_b   55.048
_cell.length_c   83.763
_cell.angle_alpha   90.00
_cell.angle_beta   108.76
_cell.angle_gamma   90.00
#
_symmetry.space_group_name_H-M   'C 1 2 1'
#
loop_
_entity.id
_entity.type
_entity.pdbx_description
1 polymer 'Putative phosphomannomutase'
2 water water
#
_entity_poly.entity_id   1
_entity_poly.type   'polypeptide(L)'
_entity_poly.pdbx_seq_one_letter_code
;MCYASMEMSAPIRFGTEGFRGVIAREFTFATLHRLAEAYGRHLLERGGGLVVVGHDTRFLADAFARALSGHLAGMGLKVV
LLKGPVPTPLLSFAVRHLKAAGGAMLTASHNPPQYLGVKFKDATGGPIAQEEAKAIEALVPEEARALEGAYETLDLREAY
FEALKAHLDLKALSGFSGVLYHDSMGGAGAGFLKGFLRHVGLEIPVRPIREEPHPLFHGVNPEPIPKNLGVTLAVLGPET
PPSFAVATDGDADRVGVVLPGGVFFNPHQVLTTLALYRFRKGHRGRAVKNFAVTWLLDRLGERLGFGVTTTPVGFKWIKE
EFLKGDCFIGGEESGGVGYPEHLPERDGILTSLLLLESVAATGKDLAEQFKEVEALTGLTHAYDRLDLPLKAPLDLTPFR
EPRPLAGLTPKGVDTLDGVKWLYEEAWVLFRASGTEPVVRIYVEAQSPELVRALLEEARKLVEG
;
_entity_poly.pdbx_strand_id   A
#
# COMPACT_ATOMS: atom_id res chain seq x y z
N MET A 8 -26.83 12.85 -20.91
CA MET A 8 -27.16 11.40 -20.76
C MET A 8 -26.78 10.86 -19.38
N SER A 9 -26.76 9.54 -19.26
CA SER A 9 -26.40 8.88 -18.01
C SER A 9 -25.03 9.33 -17.52
N ALA A 10 -24.81 9.18 -16.22
CA ALA A 10 -23.54 9.57 -15.61
C ALA A 10 -22.40 8.71 -16.14
N PRO A 11 -21.44 9.32 -16.84
CA PRO A 11 -20.31 8.56 -17.39
C PRO A 11 -19.39 8.09 -16.25
N ILE A 12 -19.07 6.80 -16.24
CA ILE A 12 -18.22 6.23 -15.22
C ILE A 12 -16.78 6.13 -15.69
N ARG A 13 -15.97 7.14 -15.36
CA ARG A 13 -14.57 7.15 -15.76
C ARG A 13 -13.68 6.65 -14.62
N PHE A 14 -12.76 5.75 -14.96
CA PHE A 14 -11.86 5.20 -13.95
C PHE A 14 -10.75 6.19 -13.60
N GLY A 15 -10.06 5.92 -12.49
CA GLY A 15 -8.99 6.80 -12.05
C GLY A 15 -7.78 6.01 -11.57
N THR A 16 -6.85 5.76 -12.48
CA THR A 16 -5.63 5.01 -12.15
C THR A 16 -6.03 3.72 -11.46
N GLU A 17 -6.53 2.77 -12.25
CA GLU A 17 -6.97 1.48 -11.73
C GLU A 17 -8.25 1.58 -10.92
N GLY A 18 -9.33 1.04 -11.47
CA GLY A 18 -10.61 1.03 -10.80
C GLY A 18 -11.44 2.31 -10.87
N PHE A 19 -12.50 2.31 -10.07
CA PHE A 19 -13.41 3.44 -9.99
C PHE A 19 -13.49 3.85 -8.53
N ARG A 20 -13.68 5.13 -8.29
CA ARG A 20 -13.79 5.62 -6.92
C ARG A 20 -14.81 6.74 -6.91
N GLY A 21 -15.46 6.94 -5.78
CA GLY A 21 -16.43 8.01 -5.70
C GLY A 21 -16.93 8.12 -4.27
N VAL A 22 -17.75 9.13 -4.02
CA VAL A 22 -18.31 9.32 -2.70
C VAL A 22 -19.57 8.46 -2.61
N ILE A 23 -19.68 7.72 -1.51
CA ILE A 23 -20.82 6.84 -1.26
C ILE A 23 -22.13 7.61 -1.38
N ALA A 24 -23.07 7.05 -2.16
CA ALA A 24 -24.39 7.66 -2.37
C ALA A 24 -24.40 8.86 -3.32
N ARG A 25 -23.23 9.28 -3.79
CA ARG A 25 -23.18 10.38 -4.75
C ARG A 25 -22.83 9.71 -6.08
N GLU A 26 -21.53 9.57 -6.35
CA GLU A 26 -21.09 8.90 -7.58
C GLU A 26 -21.04 7.40 -7.36
N PHE A 27 -20.76 6.97 -6.13
CA PHE A 27 -20.68 5.54 -5.85
C PHE A 27 -21.99 5.04 -5.26
N THR A 28 -22.88 4.59 -6.15
CA THR A 28 -24.18 4.09 -5.75
C THR A 28 -24.34 2.64 -6.19
N PHE A 29 -25.40 1.98 -5.72
CA PHE A 29 -25.61 0.59 -6.13
C PHE A 29 -25.85 0.57 -7.64
N ALA A 30 -26.49 1.62 -8.15
CA ALA A 30 -26.76 1.71 -9.59
C ALA A 30 -25.43 1.73 -10.35
N THR A 31 -24.47 2.52 -9.87
CA THR A 31 -23.18 2.59 -10.56
C THR A 31 -22.38 1.29 -10.40
N LEU A 32 -22.53 0.69 -9.20
CA LEU A 32 -21.88 -0.59 -8.94
C LEU A 32 -22.33 -1.68 -9.92
N HIS A 33 -23.66 -1.72 -10.18
CA HIS A 33 -24.19 -2.71 -11.11
C HIS A 33 -23.76 -2.45 -12.56
N ARG A 34 -23.56 -1.18 -12.93
CA ARG A 34 -23.10 -0.86 -14.27
C ARG A 34 -21.65 -1.35 -14.37
N LEU A 35 -20.88 -1.14 -13.31
CA LEU A 35 -19.48 -1.57 -13.31
C LEU A 35 -19.42 -3.10 -13.34
N ALA A 36 -20.31 -3.75 -12.61
CA ALA A 36 -20.34 -5.21 -12.57
C ALA A 36 -20.58 -5.78 -13.97
N GLU A 37 -21.52 -5.17 -14.68
CA GLU A 37 -21.83 -5.61 -16.04
C GLU A 37 -20.62 -5.48 -16.95
N ALA A 38 -19.91 -4.35 -16.84
CA ALA A 38 -18.73 -4.10 -17.64
C ALA A 38 -17.65 -5.13 -17.36
N TYR A 39 -17.40 -5.37 -16.07
CA TYR A 39 -16.38 -6.31 -15.65
C TYR A 39 -16.72 -7.74 -16.07
N GLY A 40 -17.98 -8.13 -15.90
CA GLY A 40 -18.39 -9.48 -16.29
C GLY A 40 -18.26 -9.70 -17.78
N ARG A 41 -18.69 -8.73 -18.58
CA ARG A 41 -18.60 -8.85 -20.02
C ARG A 41 -17.15 -8.99 -20.42
N HIS A 42 -16.29 -8.20 -19.77
CA HIS A 42 -14.87 -8.24 -20.04
C HIS A 42 -14.28 -9.63 -19.76
N LEU A 43 -14.65 -10.20 -18.61
CA LEU A 43 -14.13 -11.51 -18.25
C LEU A 43 -14.67 -12.63 -19.12
N LEU A 44 -15.94 -12.57 -19.47
CA LEU A 44 -16.53 -13.61 -20.31
C LEU A 44 -15.85 -13.63 -21.68
N GLU A 45 -15.49 -12.44 -22.17
CA GLU A 45 -14.83 -12.31 -23.45
C GLU A 45 -13.45 -12.96 -23.44
N ARG A 46 -12.89 -13.14 -22.25
CA ARG A 46 -11.58 -13.76 -22.12
C ARG A 46 -11.64 -15.21 -21.64
N GLY A 47 -12.83 -15.80 -21.66
CA GLY A 47 -12.96 -17.18 -21.24
C GLY A 47 -13.64 -17.41 -19.91
N GLY A 48 -14.14 -16.34 -19.30
CA GLY A 48 -14.81 -16.48 -18.01
C GLY A 48 -13.87 -16.99 -16.93
N GLY A 49 -14.41 -17.76 -16.00
CA GLY A 49 -13.59 -18.29 -14.93
C GLY A 49 -14.08 -17.92 -13.54
N LEU A 50 -13.21 -18.06 -12.57
CA LEU A 50 -13.50 -17.74 -11.18
C LEU A 50 -13.11 -16.30 -10.85
N VAL A 51 -13.93 -15.63 -10.05
CA VAL A 51 -13.62 -14.26 -9.65
C VAL A 51 -13.74 -14.22 -8.14
N VAL A 52 -12.76 -13.60 -7.50
CA VAL A 52 -12.78 -13.46 -6.05
C VAL A 52 -13.12 -12.03 -5.72
N VAL A 53 -14.07 -11.84 -4.80
CA VAL A 53 -14.49 -10.50 -4.40
C VAL A 53 -14.21 -10.30 -2.92
N GLY A 54 -13.77 -9.10 -2.55
CA GLY A 54 -13.51 -8.81 -1.15
C GLY A 54 -13.94 -7.40 -0.83
N HIS A 55 -13.97 -7.05 0.45
CA HIS A 55 -14.35 -5.70 0.86
C HIS A 55 -13.63 -5.32 2.15
N ASP A 56 -13.53 -4.02 2.43
CA ASP A 56 -12.88 -3.58 3.66
C ASP A 56 -13.93 -3.22 4.70
N THR A 57 -13.60 -2.34 5.64
CA THR A 57 -14.56 -1.98 6.69
C THR A 57 -15.39 -0.74 6.41
N ARG A 58 -15.26 -0.18 5.21
CA ARG A 58 -16.02 1.02 4.88
C ARG A 58 -17.53 0.76 4.91
N PHE A 59 -18.29 1.83 5.16
CA PHE A 59 -19.74 1.71 5.25
C PHE A 59 -20.34 1.10 3.98
N LEU A 60 -21.15 0.06 4.16
CA LEU A 60 -21.80 -0.66 3.06
C LEU A 60 -20.86 -1.40 2.13
N ALA A 61 -19.57 -1.42 2.43
CA ALA A 61 -18.62 -2.13 1.55
C ALA A 61 -19.05 -3.58 1.42
N ASP A 62 -19.52 -4.14 2.53
CA ASP A 62 -19.98 -5.52 2.54
C ASP A 62 -21.19 -5.70 1.61
N ALA A 63 -22.15 -4.77 1.71
CA ALA A 63 -23.33 -4.85 0.86
C ALA A 63 -22.99 -4.69 -0.62
N PHE A 64 -22.07 -3.78 -0.92
CA PHE A 64 -21.65 -3.56 -2.31
C PHE A 64 -20.96 -4.81 -2.83
N ALA A 65 -20.15 -5.44 -1.98
CA ALA A 65 -19.44 -6.65 -2.38
C ALA A 65 -20.40 -7.81 -2.65
N ARG A 66 -21.43 -7.93 -1.84
CA ARG A 66 -22.41 -9.00 -2.04
C ARG A 66 -23.16 -8.75 -3.35
N ALA A 67 -23.46 -7.48 -3.62
CA ALA A 67 -24.19 -7.11 -4.84
C ALA A 67 -23.34 -7.41 -6.07
N LEU A 68 -22.05 -7.07 -6.00
CA LEU A 68 -21.16 -7.33 -7.13
C LEU A 68 -20.99 -8.83 -7.35
N SER A 69 -20.85 -9.58 -6.26
CA SER A 69 -20.67 -11.04 -6.34
C SER A 69 -21.88 -11.68 -7.00
N GLY A 70 -23.08 -11.30 -6.55
CA GLY A 70 -24.29 -11.85 -7.11
C GLY A 70 -24.43 -11.53 -8.59
N HIS A 71 -24.14 -10.28 -8.96
CA HIS A 71 -24.24 -9.87 -10.36
C HIS A 71 -23.31 -10.67 -11.25
N LEU A 72 -22.04 -10.81 -10.85
CA LEU A 72 -21.08 -11.55 -11.66
C LEU A 72 -21.51 -13.01 -11.77
N ALA A 73 -21.99 -13.57 -10.66
CA ALA A 73 -22.45 -14.96 -10.65
C ALA A 73 -23.63 -15.14 -11.60
N GLY A 74 -24.51 -14.16 -11.64
CA GLY A 74 -25.67 -14.21 -12.52
C GLY A 74 -25.29 -14.13 -13.99
N MET A 75 -24.08 -13.62 -14.26
CA MET A 75 -23.62 -13.49 -15.64
C MET A 75 -22.90 -14.75 -16.11
N GLY A 76 -22.61 -15.67 -15.20
CA GLY A 76 -21.95 -16.90 -15.59
C GLY A 76 -20.57 -17.12 -15.01
N LEU A 77 -20.04 -16.15 -14.28
CA LEU A 77 -18.73 -16.31 -13.66
C LEU A 77 -18.89 -17.10 -12.37
N LYS A 78 -17.88 -17.88 -12.01
CA LYS A 78 -17.95 -18.60 -10.74
C LYS A 78 -17.45 -17.54 -9.77
N VAL A 79 -18.13 -17.38 -8.63
CA VAL A 79 -17.71 -16.35 -7.69
C VAL A 79 -17.46 -16.82 -6.28
N VAL A 80 -16.45 -16.26 -5.65
CA VAL A 80 -16.12 -16.53 -4.26
C VAL A 80 -16.00 -15.19 -3.56
N LEU A 81 -16.82 -14.97 -2.54
CA LEU A 81 -16.77 -13.73 -1.78
C LEU A 81 -16.03 -14.08 -0.50
N LEU A 82 -15.01 -13.29 -0.17
CA LEU A 82 -14.26 -13.56 1.05
C LEU A 82 -15.06 -13.11 2.25
N LYS A 83 -15.04 -13.95 3.28
CA LYS A 83 -15.77 -13.72 4.52
C LYS A 83 -15.25 -12.57 5.38
N GLY A 84 -16.14 -11.63 5.67
CA GLY A 84 -15.80 -10.50 6.51
C GLY A 84 -14.85 -9.51 5.87
N PRO A 85 -14.52 -8.41 6.57
CA PRO A 85 -13.61 -7.44 5.97
C PRO A 85 -12.23 -8.08 5.83
N VAL A 86 -11.57 -7.80 4.71
CA VAL A 86 -10.24 -8.37 4.48
C VAL A 86 -9.25 -7.36 3.93
N PRO A 87 -7.96 -7.57 4.19
CA PRO A 87 -6.93 -6.67 3.69
C PRO A 87 -6.83 -6.89 2.18
N THR A 88 -6.48 -5.84 1.44
CA THR A 88 -6.32 -5.96 0.00
C THR A 88 -5.37 -7.11 -0.34
N PRO A 89 -4.23 -7.21 0.36
CA PRO A 89 -3.32 -8.32 0.02
C PRO A 89 -3.93 -9.71 0.17
N LEU A 90 -4.88 -9.88 1.09
CA LEU A 90 -5.51 -11.19 1.25
C LEU A 90 -6.37 -11.47 0.00
N LEU A 91 -7.06 -10.44 -0.48
CA LEU A 91 -7.88 -10.63 -1.67
C LEU A 91 -6.97 -10.96 -2.86
N SER A 92 -5.87 -10.22 -3.00
CA SER A 92 -4.95 -10.48 -4.11
C SER A 92 -4.36 -11.88 -3.99
N PHE A 93 -4.06 -12.29 -2.77
CA PHE A 93 -3.51 -13.62 -2.55
C PHE A 93 -4.54 -14.67 -2.95
N ALA A 94 -5.78 -14.45 -2.54
CA ALA A 94 -6.87 -15.39 -2.84
C ALA A 94 -7.03 -15.59 -4.34
N VAL A 95 -6.89 -14.51 -5.09
CA VAL A 95 -7.02 -14.62 -6.54
C VAL A 95 -6.01 -15.61 -7.11
N ARG A 96 -4.76 -15.48 -6.68
CA ARG A 96 -3.70 -16.35 -7.18
C ARG A 96 -3.84 -17.76 -6.60
N HIS A 97 -4.13 -17.84 -5.31
CA HIS A 97 -4.26 -19.13 -4.63
C HIS A 97 -5.39 -19.98 -5.20
N LEU A 98 -6.51 -19.36 -5.55
CA LEU A 98 -7.65 -20.07 -6.09
C LEU A 98 -7.61 -20.20 -7.62
N LYS A 99 -6.52 -19.71 -8.22
CA LYS A 99 -6.34 -19.75 -9.67
C LYS A 99 -7.51 -19.10 -10.40
N ALA A 100 -7.93 -17.95 -9.87
CA ALA A 100 -9.04 -17.20 -10.43
C ALA A 100 -8.61 -16.37 -11.63
N ALA A 101 -9.58 -15.95 -12.43
CA ALA A 101 -9.31 -15.14 -13.61
C ALA A 101 -9.07 -13.71 -13.17
N GLY A 102 -9.54 -13.37 -11.97
CA GLY A 102 -9.33 -12.02 -11.48
C GLY A 102 -10.00 -11.81 -10.14
N GLY A 103 -9.91 -10.58 -9.64
CA GLY A 103 -10.53 -10.26 -8.36
C GLY A 103 -10.99 -8.81 -8.33
N ALA A 104 -11.96 -8.54 -7.46
CA ALA A 104 -12.49 -7.19 -7.31
C ALA A 104 -12.49 -6.88 -5.83
N MET A 105 -11.96 -5.73 -5.46
CA MET A 105 -11.91 -5.36 -4.06
C MET A 105 -12.66 -4.04 -3.82
N LEU A 106 -13.61 -4.10 -2.90
CA LEU A 106 -14.38 -2.91 -2.54
C LEU A 106 -13.58 -2.20 -1.45
N THR A 107 -12.95 -1.11 -1.84
CA THR A 107 -12.14 -0.33 -0.92
C THR A 107 -11.77 1.01 -1.53
N ALA A 108 -11.42 1.95 -0.66
CA ALA A 108 -10.98 3.28 -1.05
C ALA A 108 -9.66 3.48 -0.29
N SER A 109 -9.08 2.36 0.11
CA SER A 109 -7.77 2.31 0.78
C SER A 109 -7.56 3.28 1.94
N HIS A 110 -6.74 4.30 1.72
CA HIS A 110 -6.42 5.28 2.76
C HIS A 110 -7.23 6.57 2.70
N ASN A 111 -8.20 6.62 1.81
CA ASN A 111 -9.02 7.83 1.66
C ASN A 111 -10.02 8.07 2.77
N PRO A 112 -10.55 9.31 2.85
CA PRO A 112 -11.54 9.65 3.87
C PRO A 112 -12.71 8.67 3.83
N PRO A 113 -13.40 8.50 4.97
CA PRO A 113 -14.54 7.60 5.17
C PRO A 113 -15.67 7.62 4.12
N GLN A 114 -15.97 8.80 3.58
CA GLN A 114 -17.07 8.91 2.62
C GLN A 114 -16.79 8.27 1.26
N TYR A 115 -15.55 7.89 1.00
CA TYR A 115 -15.22 7.28 -0.28
C TYR A 115 -15.22 5.76 -0.30
N LEU A 116 -15.53 5.22 -1.47
CA LEU A 116 -15.50 3.79 -1.68
C LEU A 116 -15.12 3.63 -3.15
N GLY A 117 -14.76 2.43 -3.55
CA GLY A 117 -14.38 2.23 -4.93
C GLY A 117 -14.20 0.76 -5.18
N VAL A 118 -13.87 0.43 -6.42
CA VAL A 118 -13.64 -0.95 -6.78
C VAL A 118 -12.25 -1.01 -7.41
N LYS A 119 -11.41 -1.87 -6.88
CA LYS A 119 -10.06 -2.05 -7.39
C LYS A 119 -9.94 -3.47 -7.92
N PHE A 120 -9.60 -3.59 -9.19
CA PHE A 120 -9.49 -4.88 -9.87
C PHE A 120 -8.09 -5.45 -9.86
N LYS A 121 -8.02 -6.77 -9.76
CA LYS A 121 -6.74 -7.50 -9.72
C LYS A 121 -6.77 -8.51 -10.86
N ASP A 122 -5.63 -8.78 -11.48
CA ASP A 122 -5.63 -9.79 -12.54
C ASP A 122 -5.18 -11.13 -11.97
N ALA A 123 -5.06 -12.13 -12.83
CA ALA A 123 -4.69 -13.48 -12.40
C ALA A 123 -3.39 -13.61 -11.61
N THR A 124 -2.50 -12.64 -11.74
CA THR A 124 -1.22 -12.74 -11.03
C THR A 124 -1.35 -12.35 -9.57
N GLY A 125 -2.51 -11.82 -9.19
CA GLY A 125 -2.73 -11.41 -7.82
C GLY A 125 -2.15 -10.04 -7.55
N GLY A 126 -2.39 -9.12 -8.49
CA GLY A 126 -1.91 -7.75 -8.36
C GLY A 126 -2.84 -6.83 -9.15
N PRO A 127 -2.69 -5.50 -9.02
CA PRO A 127 -3.55 -4.57 -9.76
C PRO A 127 -3.55 -4.77 -11.27
N ILE A 128 -4.73 -4.69 -11.89
CA ILE A 128 -4.81 -4.84 -13.34
C ILE A 128 -4.00 -3.74 -14.02
N ALA A 129 -3.47 -4.08 -15.20
CA ALA A 129 -2.67 -3.12 -15.95
C ALA A 129 -3.59 -2.07 -16.56
N GLN A 130 -3.00 -0.96 -16.99
CA GLN A 130 -3.78 0.13 -17.59
C GLN A 130 -4.61 -0.33 -18.79
N GLU A 131 -4.03 -1.19 -19.63
CA GLU A 131 -4.73 -1.69 -20.81
C GLU A 131 -6.03 -2.41 -20.45
N GLU A 132 -5.99 -3.21 -19.39
CA GLU A 132 -7.16 -3.94 -18.93
C GLU A 132 -8.17 -2.98 -18.31
N ALA A 133 -7.66 -1.98 -17.60
CA ALA A 133 -8.52 -0.98 -16.96
C ALA A 133 -9.34 -0.26 -18.02
N LYS A 134 -8.68 0.10 -19.12
CA LYS A 134 -9.35 0.79 -20.21
C LYS A 134 -10.41 -0.08 -20.86
N ALA A 135 -10.10 -1.36 -20.99
CA ALA A 135 -11.03 -2.30 -21.62
C ALA A 135 -12.33 -2.42 -20.81
N ILE A 136 -12.21 -2.48 -19.50
CA ILE A 136 -13.37 -2.59 -18.63
C ILE A 136 -14.18 -1.29 -18.68
N GLU A 137 -13.49 -0.16 -18.64
CA GLU A 137 -14.14 1.15 -18.67
C GLU A 137 -14.97 1.31 -19.94
N ALA A 138 -14.42 0.84 -21.05
CA ALA A 138 -15.10 0.94 -22.34
C ALA A 138 -16.42 0.17 -22.38
N LEU A 139 -16.53 -0.87 -21.56
CA LEU A 139 -17.72 -1.70 -21.54
C LEU A 139 -18.82 -1.30 -20.56
N VAL A 140 -18.66 -0.18 -19.87
CA VAL A 140 -19.67 0.27 -18.92
C VAL A 140 -20.93 0.68 -19.68
N PRO A 141 -22.06 0.02 -19.41
CA PRO A 141 -23.32 0.33 -20.10
C PRO A 141 -23.97 1.57 -19.48
N GLU A 142 -24.85 2.21 -20.24
CA GLU A 142 -25.52 3.41 -19.74
C GLU A 142 -26.46 3.02 -18.62
N GLU A 143 -27.03 1.83 -18.74
CA GLU A 143 -27.97 1.32 -17.76
C GLU A 143 -27.71 -0.14 -17.47
N ALA A 144 -27.96 -0.55 -16.23
CA ALA A 144 -27.76 -1.93 -15.82
C ALA A 144 -28.85 -2.37 -14.83
N ARG A 145 -28.97 -3.68 -14.66
CA ARG A 145 -29.96 -4.24 -13.75
C ARG A 145 -29.28 -4.86 -12.54
N ALA A 146 -30.02 -4.95 -11.43
CA ALA A 146 -29.47 -5.52 -10.20
C ALA A 146 -29.56 -7.03 -10.24
N LEU A 147 -28.82 -7.63 -11.17
CA LEU A 147 -28.79 -9.07 -11.36
C LEU A 147 -28.23 -9.81 -10.14
N GLU A 148 -28.82 -10.97 -9.85
CA GLU A 148 -28.40 -11.77 -8.71
C GLU A 148 -27.90 -13.14 -9.16
N GLY A 149 -27.27 -13.88 -8.25
CA GLY A 149 -26.75 -15.19 -8.58
C GLY A 149 -26.10 -15.84 -7.38
N ALA A 150 -26.01 -17.16 -7.39
CA ALA A 150 -25.41 -17.90 -6.27
C ALA A 150 -23.88 -17.88 -6.31
N TYR A 151 -23.28 -17.73 -5.13
CA TYR A 151 -21.82 -17.72 -5.00
C TYR A 151 -21.43 -18.24 -3.63
N GLU A 152 -20.17 -18.63 -3.49
CA GLU A 152 -19.68 -19.14 -2.21
C GLU A 152 -19.02 -18.03 -1.43
N THR A 153 -19.03 -18.16 -0.11
CA THR A 153 -18.39 -17.20 0.78
C THR A 153 -17.34 -18.03 1.52
N LEU A 154 -16.07 -17.69 1.35
CA LEU A 154 -14.99 -18.44 1.96
C LEU A 154 -14.03 -17.63 2.84
N ASP A 155 -13.42 -18.31 3.80
CA ASP A 155 -12.47 -17.70 4.71
C ASP A 155 -11.10 -18.28 4.37
N LEU A 156 -10.22 -17.46 3.77
CA LEU A 156 -8.88 -17.91 3.38
C LEU A 156 -7.77 -17.36 4.25
N ARG A 157 -8.12 -16.89 5.44
CA ARG A 157 -7.14 -16.34 6.35
C ARG A 157 -6.00 -17.31 6.64
N GLU A 158 -6.34 -18.54 7.00
CA GLU A 158 -5.34 -19.55 7.31
C GLU A 158 -4.37 -19.77 6.15
N ALA A 159 -4.91 -19.88 4.94
CA ALA A 159 -4.07 -20.09 3.76
C ALA A 159 -3.15 -18.90 3.53
N TYR A 160 -3.67 -17.70 3.80
CA TYR A 160 -2.90 -16.48 3.64
C TYR A 160 -1.73 -16.50 4.63
N PHE A 161 -2.00 -16.94 5.86
CA PHE A 161 -0.96 -17.01 6.87
C PHE A 161 0.12 -18.00 6.44
N GLU A 162 -0.31 -19.13 5.88
CA GLU A 162 0.65 -20.14 5.42
C GLU A 162 1.53 -19.58 4.31
N ALA A 163 0.94 -18.76 3.45
CA ALA A 163 1.70 -18.14 2.37
C ALA A 163 2.74 -17.19 2.94
N LEU A 164 2.33 -16.38 3.92
CA LEU A 164 3.22 -15.42 4.56
C LEU A 164 4.41 -16.12 5.19
N LYS A 165 4.13 -17.20 5.92
CA LYS A 165 5.15 -17.99 6.59
C LYS A 165 6.32 -18.33 5.67
N ALA A 166 5.99 -18.65 4.42
CA ALA A 166 7.00 -19.03 3.44
C ALA A 166 7.98 -17.93 3.08
N HIS A 167 7.72 -16.70 3.50
CA HIS A 167 8.61 -15.58 3.18
C HIS A 167 9.21 -14.91 4.41
N LEU A 168 9.13 -15.59 5.54
CA LEU A 168 9.65 -15.06 6.79
C LEU A 168 10.59 -16.02 7.49
N ASP A 169 11.57 -15.48 8.21
CA ASP A 169 12.51 -16.31 8.95
C ASP A 169 11.88 -16.46 10.34
N LEU A 170 11.10 -17.52 10.52
CA LEU A 170 10.44 -17.74 11.80
C LEU A 170 11.41 -17.89 12.96
N LYS A 171 12.53 -18.55 12.71
CA LYS A 171 13.54 -18.75 13.74
C LYS A 171 14.06 -17.40 14.23
N ALA A 172 14.36 -16.52 13.28
CA ALA A 172 14.85 -15.18 13.61
C ALA A 172 13.77 -14.39 14.33
N LEU A 173 12.54 -14.48 13.83
CA LEU A 173 11.41 -13.76 14.41
C LEU A 173 11.18 -14.07 15.89
N SER A 174 11.36 -15.33 16.26
CA SER A 174 11.15 -15.74 17.65
C SER A 174 12.09 -15.00 18.59
N GLY A 175 13.16 -14.44 18.04
CA GLY A 175 14.12 -13.71 18.85
C GLY A 175 13.70 -12.31 19.24
N PHE A 176 12.64 -11.78 18.63
CA PHE A 176 12.19 -10.43 18.96
C PHE A 176 11.99 -10.32 20.45
N SER A 177 12.60 -9.31 21.06
CA SER A 177 12.52 -9.12 22.51
C SER A 177 11.61 -7.99 22.98
N GLY A 178 10.86 -7.39 22.07
CA GLY A 178 9.99 -6.29 22.47
C GLY A 178 8.52 -6.62 22.34
N VAL A 179 7.71 -5.58 22.20
CA VAL A 179 6.28 -5.72 22.03
C VAL A 179 5.91 -5.00 20.75
N LEU A 180 4.99 -5.58 19.99
CA LEU A 180 4.56 -4.95 18.75
C LEU A 180 3.18 -4.35 18.93
N TYR A 181 3.07 -3.04 18.71
CA TYR A 181 1.78 -2.38 18.81
C TYR A 181 1.25 -2.36 17.38
N HIS A 182 -0.03 -2.70 17.23
CA HIS A 182 -0.65 -2.69 15.92
C HIS A 182 -1.89 -1.83 15.91
N ASP A 183 -1.76 -0.65 15.30
CA ASP A 183 -2.85 0.30 15.17
C ASP A 183 -3.50 -0.07 13.84
N SER A 184 -4.71 -0.61 13.90
CA SER A 184 -5.44 -1.01 12.70
C SER A 184 -6.25 0.14 12.09
N MET A 185 -6.33 1.24 12.85
CA MET A 185 -7.05 2.44 12.42
C MET A 185 -8.52 2.18 12.11
N GLY A 186 -9.06 1.10 12.66
CA GLY A 186 -10.44 0.74 12.42
C GLY A 186 -10.60 0.10 11.05
N GLY A 187 -9.45 -0.21 10.45
CA GLY A 187 -9.42 -0.80 9.12
C GLY A 187 -9.35 -2.31 9.10
N ALA A 188 -9.20 -2.84 7.89
CA ALA A 188 -9.19 -4.28 7.65
C ALA A 188 -7.97 -5.10 8.07
N GLY A 189 -6.92 -4.42 8.54
CA GLY A 189 -5.75 -5.17 8.97
C GLY A 189 -5.93 -5.72 10.38
N ALA A 190 -7.02 -5.35 11.04
CA ALA A 190 -7.29 -5.80 12.41
C ALA A 190 -7.19 -7.30 12.62
N GLY A 191 -6.40 -7.69 13.62
CA GLY A 191 -6.24 -9.10 13.97
C GLY A 191 -5.34 -9.95 13.10
N PHE A 192 -4.86 -9.41 11.99
CA PHE A 192 -4.02 -10.19 11.11
C PHE A 192 -2.60 -10.48 11.58
N LEU A 193 -2.02 -9.57 12.36
CA LEU A 193 -0.67 -9.81 12.85
C LEU A 193 -0.71 -10.80 14.02
N LYS A 194 -1.67 -10.62 14.91
CA LYS A 194 -1.82 -11.54 16.05
C LYS A 194 -2.17 -12.89 15.48
N GLY A 195 -3.07 -12.88 14.51
CA GLY A 195 -3.51 -14.11 13.87
C GLY A 195 -2.34 -14.90 13.29
N PHE A 196 -1.52 -14.24 12.48
CA PHE A 196 -0.37 -14.91 11.87
C PHE A 196 0.57 -15.52 12.90
N LEU A 197 0.90 -14.76 13.93
CA LEU A 197 1.80 -15.22 14.97
C LEU A 197 1.21 -16.42 15.71
N ARG A 198 -0.05 -16.33 16.08
CA ARG A 198 -0.71 -17.42 16.77
C ARG A 198 -0.73 -18.62 15.85
N HIS A 199 -0.86 -18.35 14.54
CA HIS A 199 -0.89 -19.41 13.54
C HIS A 199 0.39 -20.21 13.47
N VAL A 200 1.53 -19.54 13.65
CA VAL A 200 2.83 -20.20 13.60
C VAL A 200 3.40 -20.51 14.99
N GLY A 201 2.59 -20.30 16.02
CA GLY A 201 2.99 -20.57 17.40
C GLY A 201 4.08 -19.64 17.94
N LEU A 202 4.18 -18.44 17.40
CA LEU A 202 5.19 -17.49 17.87
C LEU A 202 4.60 -16.65 18.99
N GLU A 203 5.22 -16.74 20.18
CA GLU A 203 4.73 -16.01 21.34
C GLU A 203 5.21 -14.58 21.41
N ILE A 204 5.06 -13.84 20.32
CA ILE A 204 5.45 -12.45 20.28
C ILE A 204 4.20 -11.67 20.66
N PRO A 205 4.29 -10.83 21.71
CA PRO A 205 3.12 -10.06 22.13
C PRO A 205 2.73 -8.92 21.19
N VAL A 206 1.45 -8.87 20.85
CA VAL A 206 0.94 -7.80 19.99
C VAL A 206 -0.15 -7.07 20.74
N ARG A 207 0.06 -5.78 20.96
CA ARG A 207 -0.91 -4.97 21.66
C ARG A 207 -1.65 -4.13 20.62
N PRO A 208 -2.95 -4.40 20.47
CA PRO A 208 -3.81 -3.71 19.51
C PRO A 208 -4.19 -2.28 19.88
N ILE A 209 -4.35 -1.47 18.84
CA ILE A 209 -4.76 -0.07 18.96
C ILE A 209 -5.80 0.11 17.86
N ARG A 210 -6.95 0.66 18.22
CA ARG A 210 -8.04 0.89 17.27
C ARG A 210 -8.33 -0.37 16.42
N GLU A 211 -8.41 -1.51 17.10
CA GLU A 211 -8.65 -2.77 16.42
C GLU A 211 -10.08 -2.99 15.97
N GLU A 212 -11.03 -2.36 16.66
CA GLU A 212 -12.44 -2.51 16.31
C GLU A 212 -12.76 -1.90 14.94
N PRO A 213 -13.37 -2.68 14.04
CA PRO A 213 -13.71 -2.17 12.71
C PRO A 213 -14.66 -0.98 12.88
N HIS A 214 -14.43 0.07 12.11
CA HIS A 214 -15.24 1.29 12.22
C HIS A 214 -15.28 2.03 10.89
N PRO A 215 -16.48 2.23 10.31
CA PRO A 215 -16.59 2.93 9.03
C PRO A 215 -16.09 4.38 9.03
N LEU A 216 -15.93 4.96 10.21
CA LEU A 216 -15.42 6.33 10.30
C LEU A 216 -13.98 6.28 10.80
N PHE A 217 -13.45 5.06 10.92
CA PHE A 217 -12.07 4.80 11.35
C PHE A 217 -11.70 5.57 12.63
N HIS A 218 -12.63 5.53 13.61
CA HIS A 218 -12.37 6.15 14.91
C HIS A 218 -12.05 7.66 14.84
N GLY A 219 -12.55 8.33 13.79
CA GLY A 219 -12.49 9.81 13.77
C GLY A 219 -11.28 10.34 12.98
N VAL A 220 -10.50 9.49 12.33
CA VAL A 220 -9.37 9.98 11.53
C VAL A 220 -9.45 9.36 10.15
N ASN A 221 -8.56 9.78 9.25
CA ASN A 221 -8.53 9.18 7.92
C ASN A 221 -7.62 7.98 8.11
N PRO A 222 -7.96 6.83 7.52
CA PRO A 222 -7.14 5.62 7.65
C PRO A 222 -5.86 5.68 6.82
N GLU A 223 -5.09 6.74 7.03
CA GLU A 223 -3.83 6.95 6.33
C GLU A 223 -2.81 7.09 7.46
N PRO A 224 -1.88 6.12 7.57
CA PRO A 224 -0.85 6.09 8.61
C PRO A 224 0.25 7.16 8.57
N ILE A 225 -0.15 8.41 8.81
CA ILE A 225 0.78 9.53 8.86
C ILE A 225 0.48 10.25 10.18
N PRO A 226 1.42 11.05 10.67
CA PRO A 226 1.25 11.79 11.93
C PRO A 226 -0.11 12.39 12.26
N LYS A 227 -0.72 13.12 11.33
CA LYS A 227 -2.02 13.75 11.62
C LYS A 227 -3.13 12.78 12.01
N ASN A 228 -2.99 11.52 11.61
CA ASN A 228 -4.00 10.52 11.94
C ASN A 228 -3.53 9.52 12.98
N LEU A 229 -2.32 9.72 13.49
CA LEU A 229 -1.73 8.80 14.46
C LEU A 229 -1.54 9.35 15.88
N GLY A 230 -2.25 10.43 16.21
CA GLY A 230 -2.12 11.01 17.54
C GLY A 230 -2.15 10.01 18.69
N VAL A 231 -3.18 9.17 18.71
CA VAL A 231 -3.31 8.17 19.77
C VAL A 231 -2.12 7.22 19.87
N THR A 232 -1.60 6.81 18.72
CA THR A 232 -0.46 5.90 18.68
C THR A 232 0.84 6.59 19.06
N LEU A 233 1.00 7.84 18.63
CA LEU A 233 2.19 8.61 18.97
C LEU A 233 2.23 8.77 20.49
N ALA A 234 1.05 8.83 21.10
CA ALA A 234 0.96 9.00 22.55
C ALA A 234 1.33 7.71 23.27
N VAL A 235 0.75 6.59 22.84
CA VAL A 235 1.02 5.29 23.46
C VAL A 235 2.51 4.94 23.42
N LEU A 236 3.17 5.22 22.29
CA LEU A 236 4.58 4.91 22.15
C LEU A 236 5.52 5.90 22.82
N GLY A 237 4.98 7.04 23.26
CA GLY A 237 5.79 8.05 23.92
C GLY A 237 6.74 7.51 24.98
N PRO A 238 6.22 6.85 26.03
CA PRO A 238 7.04 6.30 27.12
C PRO A 238 7.62 4.90 26.87
N GLU A 239 7.46 4.39 25.66
CA GLU A 239 7.99 3.07 25.35
C GLU A 239 9.50 3.09 25.14
N THR A 240 10.09 1.91 25.05
CA THR A 240 11.53 1.79 24.85
C THR A 240 11.83 0.69 23.83
N PRO A 241 12.94 0.85 23.08
CA PRO A 241 13.37 -0.11 22.07
C PRO A 241 13.51 -1.51 22.66
N PRO A 242 13.35 -2.55 21.83
CA PRO A 242 13.06 -2.48 20.40
C PRO A 242 11.56 -2.47 20.06
N SER A 243 10.72 -2.15 21.03
CA SER A 243 9.28 -2.11 20.80
C SER A 243 8.92 -0.99 19.83
N PHE A 244 7.88 -1.21 19.04
CA PHE A 244 7.44 -0.21 18.08
C PHE A 244 6.02 -0.50 17.62
N ALA A 245 5.45 0.46 16.92
CA ALA A 245 4.10 0.29 16.43
C ALA A 245 4.03 0.31 14.93
N VAL A 246 3.15 -0.50 14.37
CA VAL A 246 2.91 -0.50 12.94
C VAL A 246 1.46 -0.07 12.82
N ALA A 247 1.18 0.84 11.90
CA ALA A 247 -0.18 1.31 11.68
C ALA A 247 -0.53 0.94 10.26
N THR A 248 -1.49 0.05 10.09
CA THR A 248 -1.89 -0.34 8.74
C THR A 248 -3.04 0.56 8.29
N ASP A 249 -3.07 0.91 7.01
CA ASP A 249 -4.13 1.76 6.52
C ASP A 249 -5.46 1.03 6.35
N GLY A 250 -6.44 1.72 5.78
CA GLY A 250 -7.77 1.16 5.60
C GLY A 250 -7.88 -0.27 5.12
N ASP A 251 -7.16 -0.61 4.06
CA ASP A 251 -7.20 -1.96 3.50
C ASP A 251 -5.90 -2.72 3.72
N ALA A 252 -5.06 -2.15 4.58
CA ALA A 252 -3.77 -2.70 4.94
C ALA A 252 -2.81 -3.00 3.79
N ASP A 253 -2.82 -2.17 2.74
CA ASP A 253 -1.84 -2.41 1.69
C ASP A 253 -0.66 -1.47 1.94
N ARG A 254 -0.81 -0.58 2.92
CA ARG A 254 0.23 0.38 3.30
C ARG A 254 0.45 0.39 4.81
N VAL A 255 1.63 0.80 5.25
CA VAL A 255 1.89 0.86 6.68
C VAL A 255 2.69 2.12 7.05
N GLY A 256 2.52 2.54 8.30
CA GLY A 256 3.24 3.68 8.83
C GLY A 256 3.85 3.16 10.12
N VAL A 257 4.96 3.74 10.55
CA VAL A 257 5.61 3.28 11.76
C VAL A 257 5.81 4.36 12.82
N VAL A 258 5.62 4.01 14.08
CA VAL A 258 5.83 4.95 15.19
C VAL A 258 6.79 4.30 16.17
N LEU A 259 7.87 5.01 16.49
CA LEU A 259 8.88 4.50 17.39
C LEU A 259 8.77 5.08 18.78
N PRO A 260 9.44 4.45 19.76
CA PRO A 260 9.42 4.91 21.14
C PRO A 260 9.74 6.39 21.18
N GLY A 261 9.03 7.13 22.02
CA GLY A 261 9.24 8.55 22.12
C GLY A 261 8.26 9.26 21.20
N GLY A 262 7.42 8.46 20.55
CA GLY A 262 6.43 9.03 19.64
C GLY A 262 7.10 9.64 18.43
N VAL A 263 8.00 8.89 17.81
CA VAL A 263 8.70 9.37 16.62
C VAL A 263 8.19 8.65 15.38
N PHE A 264 7.80 9.43 14.39
CA PHE A 264 7.31 8.86 13.14
C PHE A 264 8.47 8.34 12.29
N PHE A 265 8.30 7.15 11.74
CA PHE A 265 9.31 6.50 10.89
C PHE A 265 8.58 6.40 9.55
N ASN A 266 8.94 7.27 8.61
CA ASN A 266 8.26 7.35 7.31
C ASN A 266 8.54 6.27 6.27
N PRO A 267 7.73 6.24 5.19
CA PRO A 267 7.87 5.27 4.11
C PRO A 267 9.25 5.14 3.48
N HIS A 268 9.97 6.24 3.39
CA HIS A 268 11.31 6.24 2.81
C HIS A 268 12.24 5.49 3.75
N GLN A 269 12.05 5.70 5.04
CA GLN A 269 12.86 5.04 6.04
C GLN A 269 12.52 3.54 6.05
N VAL A 270 11.23 3.23 5.98
CA VAL A 270 10.83 1.82 5.97
C VAL A 270 11.37 1.12 4.73
N LEU A 271 11.16 1.72 3.57
CA LEU A 271 11.60 1.11 2.31
C LEU A 271 13.10 0.87 2.26
N THR A 272 13.89 1.88 2.61
CA THR A 272 15.34 1.71 2.56
C THR A 272 15.86 0.76 3.62
N THR A 273 15.26 0.79 4.81
CA THR A 273 15.67 -0.11 5.89
C THR A 273 15.41 -1.55 5.45
N LEU A 274 14.25 -1.80 4.86
CA LEU A 274 13.92 -3.16 4.41
C LEU A 274 14.73 -3.54 3.18
N ALA A 275 15.07 -2.58 2.33
CA ALA A 275 15.87 -2.89 1.16
C ALA A 275 17.24 -3.35 1.64
N LEU A 276 17.79 -2.66 2.63
CA LEU A 276 19.10 -3.01 3.15
C LEU A 276 19.08 -4.38 3.80
N TYR A 277 18.07 -4.62 4.63
CA TYR A 277 17.93 -5.89 5.32
C TYR A 277 17.80 -7.06 4.33
N ARG A 278 16.94 -6.92 3.34
CA ARG A 278 16.75 -7.99 2.36
C ARG A 278 18.02 -8.21 1.52
N PHE A 279 18.69 -7.12 1.18
CA PHE A 279 19.91 -7.24 0.40
C PHE A 279 20.96 -8.01 1.21
N ARG A 280 21.09 -7.67 2.48
CA ARG A 280 22.08 -8.33 3.32
C ARG A 280 21.73 -9.80 3.58
N LYS A 281 20.45 -10.16 3.42
CA LYS A 281 20.04 -11.55 3.61
C LYS A 281 20.40 -12.36 2.37
N GLY A 282 20.86 -11.69 1.33
CA GLY A 282 21.25 -12.38 0.12
C GLY A 282 20.37 -12.20 -1.10
N HIS A 283 19.25 -11.48 -0.95
CA HIS A 283 18.36 -11.24 -2.09
C HIS A 283 19.09 -10.41 -3.13
N ARG A 284 18.98 -10.83 -4.39
CA ARG A 284 19.64 -10.12 -5.48
C ARG A 284 18.62 -9.61 -6.49
N GLY A 285 19.09 -8.76 -7.38
CA GLY A 285 18.21 -8.19 -8.39
C GLY A 285 18.15 -6.69 -8.22
N ARG A 286 17.06 -6.08 -8.66
CA ARG A 286 16.92 -4.65 -8.55
C ARG A 286 15.78 -4.23 -7.63
N ALA A 287 15.84 -2.99 -7.18
CA ALA A 287 14.79 -2.43 -6.33
C ALA A 287 14.03 -1.50 -7.26
N VAL A 288 12.71 -1.45 -7.12
CA VAL A 288 11.89 -0.59 -7.97
C VAL A 288 11.23 0.46 -7.08
N LYS A 289 11.26 1.71 -7.51
CA LYS A 289 10.67 2.81 -6.73
C LYS A 289 10.00 3.82 -7.63
N ASN A 290 8.94 4.47 -7.15
CA ASN A 290 8.32 5.48 -7.99
C ASN A 290 9.12 6.77 -7.87
N PHE A 291 8.77 7.74 -8.71
CA PHE A 291 9.45 9.04 -8.80
C PHE A 291 9.56 9.89 -7.52
N ALA A 292 8.69 9.66 -6.54
CA ALA A 292 8.73 10.47 -5.33
C ALA A 292 9.45 9.81 -4.16
N VAL A 293 10.05 8.65 -4.40
CA VAL A 293 10.77 7.93 -3.37
C VAL A 293 12.18 8.50 -3.16
N THR A 294 12.62 8.49 -1.91
CA THR A 294 13.92 9.00 -1.50
C THR A 294 15.07 8.56 -2.39
N TRP A 295 16.02 9.45 -2.64
CA TRP A 295 17.16 9.09 -3.46
C TRP A 295 18.18 8.29 -2.64
N LEU A 296 17.86 8.03 -1.36
CA LEU A 296 18.78 7.25 -0.56
C LEU A 296 18.74 5.82 -1.09
N LEU A 297 17.63 5.42 -1.70
CA LEU A 297 17.55 4.07 -2.23
C LEU A 297 18.52 3.94 -3.41
N ASP A 298 18.53 4.94 -4.28
CA ASP A 298 19.45 4.95 -5.44
C ASP A 298 20.88 4.87 -4.93
N ARG A 299 21.20 5.68 -3.93
CA ARG A 299 22.55 5.71 -3.36
C ARG A 299 22.91 4.38 -2.72
N LEU A 300 21.97 3.77 -2.01
CA LEU A 300 22.23 2.50 -1.36
C LEU A 300 22.58 1.47 -2.45
N GLY A 301 21.84 1.50 -3.54
CA GLY A 301 22.08 0.58 -4.64
C GLY A 301 23.44 0.76 -5.30
N GLU A 302 23.88 2.01 -5.45
CA GLU A 302 25.18 2.25 -6.06
C GLU A 302 26.29 1.87 -5.09
N ARG A 303 26.07 2.14 -3.80
CA ARG A 303 27.06 1.85 -2.76
C ARG A 303 27.25 0.35 -2.50
N LEU A 304 26.14 -0.38 -2.38
CA LEU A 304 26.21 -1.81 -2.09
C LEU A 304 26.20 -2.77 -3.28
N GLY A 305 25.74 -2.30 -4.43
CA GLY A 305 25.75 -3.17 -5.61
C GLY A 305 24.46 -3.75 -6.16
N PHE A 306 23.38 -2.98 -6.22
CA PHE A 306 22.14 -3.47 -6.80
C PHE A 306 21.48 -2.37 -7.62
N GLY A 307 20.84 -2.76 -8.72
CA GLY A 307 20.21 -1.79 -9.58
C GLY A 307 18.95 -1.19 -8.99
N VAL A 308 18.60 0.00 -9.47
CA VAL A 308 17.41 0.69 -9.01
C VAL A 308 16.66 1.24 -10.21
N THR A 309 15.41 0.82 -10.36
CA THR A 309 14.56 1.26 -11.46
C THR A 309 13.58 2.28 -10.91
N THR A 310 13.45 3.41 -11.59
CA THR A 310 12.53 4.47 -11.17
C THR A 310 11.36 4.51 -12.13
N THR A 311 10.15 4.51 -11.58
CA THR A 311 8.93 4.53 -12.38
C THR A 311 8.04 5.70 -12.01
N PRO A 312 7.10 6.06 -12.91
CA PRO A 312 6.20 7.17 -12.60
C PRO A 312 5.33 6.69 -11.45
N VAL A 313 4.63 7.60 -10.78
CA VAL A 313 3.77 7.18 -9.68
C VAL A 313 2.62 6.32 -10.23
N GLY A 314 2.33 5.24 -9.51
CA GLY A 314 1.28 4.32 -9.91
C GLY A 314 1.87 2.94 -9.72
N PHE A 315 1.26 2.11 -8.88
CA PHE A 315 1.80 0.79 -8.63
C PHE A 315 1.83 -0.12 -9.85
N LYS A 316 1.03 0.20 -10.86
CA LYS A 316 1.00 -0.61 -12.07
C LYS A 316 2.40 -0.71 -12.67
N TRP A 317 3.18 0.37 -12.57
CA TRP A 317 4.53 0.38 -13.11
C TRP A 317 5.46 -0.57 -12.36
N ILE A 318 5.25 -0.69 -11.05
CA ILE A 318 6.07 -1.56 -10.23
C ILE A 318 5.70 -3.02 -10.49
N LYS A 319 4.40 -3.28 -10.63
CA LYS A 319 3.94 -4.64 -10.90
C LYS A 319 4.52 -5.15 -12.22
N GLU A 320 4.50 -4.31 -13.26
CA GLU A 320 5.03 -4.72 -14.55
C GLU A 320 6.47 -5.20 -14.40
N GLU A 321 7.27 -4.45 -13.65
CA GLU A 321 8.67 -4.81 -13.44
C GLU A 321 8.83 -6.08 -12.60
N PHE A 322 7.97 -6.25 -11.59
CA PHE A 322 8.04 -7.44 -10.75
C PHE A 322 7.86 -8.69 -11.60
N LEU A 323 6.89 -8.64 -12.51
CA LEU A 323 6.59 -9.78 -13.37
C LEU A 323 7.77 -10.16 -14.26
N LYS A 324 8.76 -9.26 -14.36
CA LYS A 324 9.95 -9.51 -15.16
C LYS A 324 10.76 -10.60 -14.43
N GLY A 325 10.59 -10.65 -13.11
CA GLY A 325 11.27 -11.66 -12.29
C GLY A 325 12.68 -11.40 -11.83
N ASP A 326 13.14 -10.15 -11.91
CA ASP A 326 14.50 -9.83 -11.51
C ASP A 326 14.54 -8.74 -10.43
N CYS A 327 13.49 -8.64 -9.63
CA CYS A 327 13.40 -7.63 -8.57
C CYS A 327 13.37 -8.28 -7.19
N PHE A 328 13.73 -7.53 -6.14
CA PHE A 328 13.67 -8.07 -4.79
C PHE A 328 12.84 -7.21 -3.85
N ILE A 329 12.42 -6.04 -4.33
CA ILE A 329 11.58 -5.15 -3.53
C ILE A 329 11.07 -4.02 -4.40
N GLY A 330 9.88 -3.50 -4.08
CA GLY A 330 9.33 -2.40 -4.84
C GLY A 330 8.57 -1.49 -3.88
N GLY A 331 8.75 -0.18 -4.00
CA GLY A 331 8.05 0.67 -3.07
C GLY A 331 7.63 2.04 -3.56
N GLU A 332 6.70 2.63 -2.82
CA GLU A 332 6.19 3.95 -3.11
C GLU A 332 6.42 4.87 -1.92
N GLU A 333 6.29 6.16 -2.14
CA GLU A 333 6.49 7.14 -1.09
C GLU A 333 5.32 7.19 -0.11
N SER A 334 4.28 6.39 -0.40
CA SER A 334 3.08 6.36 0.43
C SER A 334 2.98 5.24 1.45
N GLY A 335 4.02 4.42 1.56
CA GLY A 335 3.99 3.34 2.53
C GLY A 335 3.68 1.97 1.94
N GLY A 336 3.36 1.94 0.65
CA GLY A 336 3.07 0.67 0.01
C GLY A 336 4.37 0.02 -0.42
N VAL A 337 4.55 -1.24 -0.04
CA VAL A 337 5.75 -1.99 -0.39
C VAL A 337 5.34 -3.36 -0.90
N GLY A 338 5.98 -3.80 -1.98
CA GLY A 338 5.69 -5.10 -2.55
C GLY A 338 6.91 -6.00 -2.52
N TYR A 339 6.67 -7.30 -2.42
CA TYR A 339 7.73 -8.30 -2.36
C TYR A 339 7.44 -9.31 -3.46
N PRO A 340 8.20 -9.25 -4.57
CA PRO A 340 8.07 -10.11 -5.74
C PRO A 340 7.83 -11.60 -5.53
N GLU A 341 8.60 -12.23 -4.65
CA GLU A 341 8.44 -13.66 -4.42
C GLU A 341 7.14 -14.01 -3.69
N HIS A 342 6.42 -12.98 -3.26
CA HIS A 342 5.15 -13.12 -2.54
C HIS A 342 3.97 -12.86 -3.49
N LEU A 343 3.72 -11.59 -3.77
CA LEU A 343 2.64 -11.17 -4.65
C LEU A 343 3.05 -9.85 -5.30
N PRO A 344 2.63 -9.62 -6.56
CA PRO A 344 2.96 -8.37 -7.25
C PRO A 344 1.91 -7.39 -6.77
N GLU A 345 1.91 -7.15 -5.46
CA GLU A 345 0.94 -6.28 -4.81
C GLU A 345 1.52 -5.64 -3.54
N ARG A 346 0.93 -4.53 -3.11
CA ARG A 346 1.38 -3.88 -1.88
C ARG A 346 0.80 -4.68 -0.72
N ASP A 347 1.64 -5.08 0.22
CA ASP A 347 1.15 -5.86 1.36
C ASP A 347 1.68 -5.28 2.67
N GLY A 348 0.80 -4.58 3.38
CA GLY A 348 1.18 -3.96 4.64
C GLY A 348 1.34 -4.95 5.79
N ILE A 349 0.73 -6.11 5.66
CA ILE A 349 0.83 -7.13 6.68
C ILE A 349 2.23 -7.76 6.60
N LEU A 350 2.64 -8.13 5.39
CA LEU A 350 3.97 -8.70 5.24
C LEU A 350 5.03 -7.66 5.58
N THR A 351 4.76 -6.39 5.23
CA THR A 351 5.72 -5.34 5.53
C THR A 351 5.91 -5.24 7.04
N SER A 352 4.81 -5.30 7.78
CA SER A 352 4.88 -5.23 9.23
C SER A 352 5.72 -6.38 9.77
N LEU A 353 5.46 -7.59 9.26
CA LEU A 353 6.19 -8.76 9.73
C LEU A 353 7.67 -8.72 9.36
N LEU A 354 8.02 -8.17 8.20
CA LEU A 354 9.43 -8.08 7.82
C LEU A 354 10.14 -7.04 8.69
N LEU A 355 9.43 -5.98 9.05
CA LEU A 355 10.04 -4.96 9.91
C LEU A 355 10.36 -5.64 11.23
N LEU A 356 9.41 -6.42 11.73
CA LEU A 356 9.56 -7.15 12.97
C LEU A 356 10.74 -8.12 12.85
N GLU A 357 10.84 -8.81 11.72
CA GLU A 357 11.95 -9.74 11.49
C GLU A 357 13.29 -9.02 11.51
N SER A 358 13.37 -7.91 10.79
CA SER A 358 14.62 -7.13 10.71
C SER A 358 15.14 -6.73 12.09
N VAL A 359 14.24 -6.26 12.96
CA VAL A 359 14.65 -5.85 14.29
C VAL A 359 15.19 -7.03 15.09
N ALA A 360 14.51 -8.17 15.01
CA ALA A 360 14.94 -9.36 15.74
C ALA A 360 16.26 -9.91 15.22
N ALA A 361 16.36 -10.05 13.89
CA ALA A 361 17.55 -10.59 13.27
C ALA A 361 18.80 -9.72 13.42
N THR A 362 18.65 -8.41 13.21
CA THR A 362 19.78 -7.51 13.32
C THR A 362 20.13 -7.18 14.77
N GLY A 363 19.12 -7.17 15.64
CA GLY A 363 19.36 -6.84 17.03
C GLY A 363 19.40 -5.32 17.18
N LYS A 364 18.93 -4.61 16.16
CA LYS A 364 18.92 -3.16 16.20
C LYS A 364 17.50 -2.68 15.95
N ASP A 365 17.04 -1.70 16.72
CA ASP A 365 15.69 -1.21 16.52
C ASP A 365 15.66 -0.48 15.17
N LEU A 366 14.48 -0.13 14.69
CA LEU A 366 14.37 0.52 13.40
C LEU A 366 15.15 1.82 13.23
N ALA A 367 15.18 2.63 14.28
CA ALA A 367 15.89 3.89 14.24
C ALA A 367 17.38 3.62 14.02
N GLU A 368 17.90 2.62 14.70
CA GLU A 368 19.32 2.27 14.54
C GLU A 368 19.59 1.67 13.17
N GLN A 369 18.64 0.91 12.65
CA GLN A 369 18.85 0.33 11.32
C GLN A 369 18.90 1.44 10.29
N PHE A 370 18.05 2.44 10.44
CA PHE A 370 18.06 3.52 9.47
C PHE A 370 19.33 4.35 9.58
N LYS A 371 19.88 4.47 10.80
CA LYS A 371 21.12 5.22 11.00
C LYS A 371 22.22 4.52 10.21
N GLU A 372 22.12 3.21 10.09
CA GLU A 372 23.07 2.41 9.35
C GLU A 372 22.86 2.68 7.86
N VAL A 373 21.61 2.91 7.47
CA VAL A 373 21.32 3.23 6.07
C VAL A 373 22.01 4.56 5.77
N GLU A 374 21.87 5.51 6.68
CA GLU A 374 22.47 6.82 6.48
C GLU A 374 24.00 6.73 6.42
N ALA A 375 24.57 5.84 7.23
CA ALA A 375 26.02 5.67 7.25
C ALA A 375 26.51 5.06 5.93
N LEU A 376 25.84 4.02 5.47
CA LEU A 376 26.21 3.35 4.23
C LEU A 376 26.00 4.21 2.98
N THR A 377 25.03 5.12 3.02
CA THR A 377 24.76 5.98 1.87
C THR A 377 25.53 7.30 1.96
N GLY A 378 25.88 7.68 3.18
CA GLY A 378 26.61 8.92 3.38
C GLY A 378 25.66 10.11 3.28
N LEU A 379 24.37 9.85 3.39
CA LEU A 379 23.37 10.90 3.27
C LEU A 379 22.44 10.94 4.49
N THR A 380 21.91 12.13 4.78
CA THR A 380 20.97 12.30 5.87
C THR A 380 19.61 12.51 5.19
N HIS A 381 18.54 12.06 5.83
CA HIS A 381 17.21 12.15 5.26
C HIS A 381 16.19 12.96 6.06
N ALA A 382 15.43 13.77 5.34
CA ALA A 382 14.35 14.58 5.90
C ALA A 382 13.34 14.70 4.78
N TYR A 383 12.06 14.67 5.10
CA TYR A 383 11.06 14.74 4.05
C TYR A 383 9.70 15.27 4.49
N ASP A 384 8.97 15.84 3.55
CA ASP A 384 7.63 16.35 3.79
C ASP A 384 6.92 16.60 2.47
N ARG A 385 5.60 16.68 2.51
CA ARG A 385 4.80 16.93 1.32
C ARG A 385 3.75 17.99 1.59
N LEU A 386 3.54 18.87 0.60
CA LEU A 386 2.56 19.93 0.71
C LEU A 386 1.59 19.91 -0.46
N ASP A 387 0.29 19.91 -0.17
CA ASP A 387 -0.72 19.88 -1.22
C ASP A 387 -1.92 20.73 -0.83
N ARG A 403 13.86 26.94 -11.11
CA ARG A 403 13.96 28.12 -10.26
C ARG A 403 14.62 27.75 -8.93
N PRO A 404 15.81 28.28 -8.65
CA PRO A 404 16.53 27.97 -7.41
C PRO A 404 15.72 28.41 -6.19
N LEU A 405 15.75 27.60 -5.13
CA LEU A 405 15.00 27.89 -3.90
C LEU A 405 15.91 27.89 -2.69
N ALA A 406 15.66 28.81 -1.76
CA ALA A 406 16.49 28.94 -0.57
C ALA A 406 17.88 29.30 -1.09
N GLY A 407 18.92 28.79 -0.44
CA GLY A 407 20.27 29.11 -0.89
C GLY A 407 20.92 27.95 -1.62
N LEU A 408 20.11 27.18 -2.33
CA LEU A 408 20.61 26.03 -3.07
C LEU A 408 20.76 26.26 -4.57
N THR A 409 21.90 25.82 -5.10
CA THR A 409 22.20 25.94 -6.52
C THR A 409 21.67 24.70 -7.24
N PRO A 410 20.70 24.88 -8.15
CA PRO A 410 20.13 23.75 -8.89
C PRO A 410 21.18 22.93 -9.64
N LYS A 411 20.88 21.65 -9.84
CA LYS A 411 21.79 20.73 -10.52
C LYS A 411 21.05 19.93 -11.60
N GLY A 412 20.05 20.56 -12.22
CA GLY A 412 19.30 19.88 -13.26
C GLY A 412 17.83 19.68 -12.93
N VAL A 413 17.07 19.18 -13.90
CA VAL A 413 15.64 18.93 -13.73
C VAL A 413 15.26 17.60 -14.36
N ASP A 414 14.24 16.95 -13.80
CA ASP A 414 13.76 15.67 -14.32
C ASP A 414 12.24 15.72 -14.40
N THR A 415 11.72 15.59 -15.62
CA THR A 415 10.27 15.65 -15.84
C THR A 415 9.60 14.30 -16.16
N LEU A 416 10.17 13.22 -15.64
CA LEU A 416 9.59 11.88 -15.88
C LEU A 416 8.10 11.84 -15.54
N ASP A 417 7.75 12.39 -14.38
CA ASP A 417 6.37 12.40 -13.93
C ASP A 417 6.20 13.63 -13.04
N GLY A 418 5.74 14.72 -13.64
CA GLY A 418 5.60 15.96 -12.93
C GLY A 418 6.85 16.75 -13.25
N VAL A 419 7.32 17.56 -12.32
CA VAL A 419 8.54 18.33 -12.53
C VAL A 419 9.40 18.29 -11.28
N LYS A 420 10.61 17.74 -11.41
CA LYS A 420 11.52 17.65 -10.28
C LYS A 420 12.76 18.49 -10.44
N TRP A 421 12.95 19.47 -9.55
CA TRP A 421 14.13 20.30 -9.59
C TRP A 421 15.19 19.62 -8.75
N LEU A 422 16.35 19.39 -9.35
CA LEU A 422 17.43 18.71 -8.66
C LEU A 422 18.43 19.70 -8.06
N TYR A 423 18.89 19.39 -6.85
CA TYR A 423 19.86 20.21 -6.15
C TYR A 423 20.88 19.28 -5.54
N GLU A 424 21.96 19.85 -5.04
CA GLU A 424 22.98 19.06 -4.39
C GLU A 424 22.41 18.79 -3.00
N GLU A 425 22.16 17.52 -2.69
CA GLU A 425 21.63 17.14 -1.39
C GLU A 425 20.16 17.50 -1.15
N ALA A 426 19.46 17.94 -2.19
CA ALA A 426 18.05 18.29 -2.05
C ALA A 426 17.27 18.14 -3.36
N TRP A 427 15.99 17.80 -3.26
CA TRP A 427 15.14 17.63 -4.42
C TRP A 427 13.74 18.17 -4.13
N VAL A 428 13.15 18.83 -5.12
CA VAL A 428 11.81 19.39 -5.00
C VAL A 428 10.99 18.93 -6.20
N LEU A 429 9.91 18.23 -5.92
CA LEU A 429 9.04 17.71 -6.97
C LEU A 429 7.65 18.33 -6.97
N PHE A 430 7.24 18.83 -8.13
CA PHE A 430 5.91 19.42 -8.29
C PHE A 430 5.09 18.44 -9.13
N ARG A 431 3.93 18.04 -8.61
CA ARG A 431 3.04 17.12 -9.32
C ARG A 431 1.61 17.63 -9.30
N ALA A 432 1.08 17.91 -10.49
CA ALA A 432 -0.29 18.40 -10.61
C ALA A 432 -1.27 17.25 -10.75
N SER A 433 -1.61 16.62 -9.64
CA SER A 433 -2.54 15.49 -9.63
C SER A 433 -3.99 15.98 -9.53
N VAL A 439 -2.08 21.08 -6.62
CA VAL A 439 -0.69 20.72 -6.87
C VAL A 439 -0.06 20.13 -5.61
N ARG A 440 0.79 19.13 -5.79
CA ARG A 440 1.45 18.48 -4.67
C ARG A 440 2.95 18.70 -4.75
N ILE A 441 3.53 19.16 -3.66
CA ILE A 441 4.97 19.41 -3.61
C ILE A 441 5.62 18.43 -2.66
N TYR A 442 6.56 17.64 -3.19
CA TYR A 442 7.29 16.66 -2.40
C TYR A 442 8.71 17.19 -2.24
N VAL A 443 9.22 17.18 -1.02
CA VAL A 443 10.57 17.67 -0.79
C VAL A 443 11.41 16.76 0.08
N GLU A 444 12.63 16.51 -0.38
CA GLU A 444 13.60 15.73 0.38
C GLU A 444 14.85 16.59 0.48
N ALA A 445 15.39 16.68 1.68
CA ALA A 445 16.60 17.46 1.92
C ALA A 445 17.35 16.85 3.11
N GLN A 446 18.51 17.43 3.42
CA GLN A 446 19.35 16.93 4.52
C GLN A 446 18.80 17.16 5.93
N SER A 447 17.95 18.16 6.10
CA SER A 447 17.41 18.45 7.42
C SER A 447 15.95 18.86 7.33
N PRO A 448 15.21 18.74 8.45
CA PRO A 448 13.79 19.12 8.42
C PRO A 448 13.67 20.63 8.22
N GLU A 449 14.68 21.38 8.68
CA GLU A 449 14.66 22.83 8.54
C GLU A 449 14.78 23.25 7.09
N LEU A 450 15.65 22.57 6.35
CA LEU A 450 15.83 22.90 4.94
C LEU A 450 14.60 22.44 4.17
N VAL A 451 14.03 21.32 4.57
CA VAL A 451 12.82 20.83 3.92
C VAL A 451 11.75 21.91 4.06
N ARG A 452 11.55 22.42 5.27
CA ARG A 452 10.54 23.46 5.48
C ARG A 452 10.83 24.74 4.71
N ALA A 453 12.10 25.15 4.68
CA ALA A 453 12.48 26.37 3.95
C ALA A 453 12.18 26.18 2.46
N LEU A 454 12.59 25.04 1.91
CA LEU A 454 12.34 24.76 0.50
C LEU A 454 10.87 24.83 0.15
N LEU A 455 10.03 24.22 0.99
CA LEU A 455 8.59 24.25 0.75
C LEU A 455 8.06 25.66 0.79
N GLU A 456 8.58 26.48 1.71
CA GLU A 456 8.14 27.86 1.83
C GLU A 456 8.48 28.69 0.59
N GLU A 457 9.66 28.47 0.02
CA GLU A 457 10.07 29.21 -1.17
C GLU A 457 9.43 28.61 -2.43
N ALA A 458 9.32 27.29 -2.47
CA ALA A 458 8.72 26.62 -3.62
C ALA A 458 7.25 27.02 -3.73
N ARG A 459 6.60 27.15 -2.59
CA ARG A 459 5.19 27.51 -2.51
C ARG A 459 4.89 28.85 -3.22
N LYS A 460 5.71 29.85 -2.94
CA LYS A 460 5.53 31.18 -3.53
C LYS A 460 5.65 31.16 -5.05
N LEU A 461 5.98 29.99 -5.61
CA LEU A 461 6.12 29.84 -7.05
C LEU A 461 4.84 29.31 -7.68
N VAL A 462 3.90 28.90 -6.84
CA VAL A 462 2.61 28.38 -7.33
C VAL A 462 1.48 29.25 -6.82
N GLU A 463 1.81 30.21 -5.95
CA GLU A 463 0.83 31.12 -5.38
C GLU A 463 -0.16 31.63 -6.41
N GLY A 464 0.29 32.56 -7.26
CA GLY A 464 -0.57 33.12 -8.28
C GLY A 464 -0.10 32.80 -9.69
#